data_7K27
#
_entry.id   7K27
#
_cell.length_a   45.260
_cell.length_b   54.590
_cell.length_c   123.420
_cell.angle_alpha   90.000
_cell.angle_beta   90.000
_cell.angle_gamma   90.000
#
_symmetry.space_group_name_H-M   'P 21 21 21'
#
loop_
_entity.id
_entity.type
_entity.pdbx_description
1 polymer 'Transcription initiation factor TFIID subunit 1'
2 non-polymer 1,2-ETHANEDIOL
3 non-polymer 4-{4-[(3R)-3-methylmorpholin-4-yl]-6-[1-(methylsulfonyl)cyclopropyl]pyrimidin-2-yl}-1H-indole
4 non-polymer 'DIMETHYL SULFOXIDE'
5 non-polymer GLYCEROL
6 water water
#
_entity_poly.entity_id   1
_entity_poly.type   'polypeptide(L)'
_entity_poly.pdbx_seq_one_letter_code
;SMSIHRRRTDPMVTLSSILESIINDMRDLPNTYPFHTPVNAKVVKDYYKIITRPMDLQTLRENVRKRLYPSREEFREHLE
LIVKNSATYNGPKHSLTQISQSMLDLCDEKLKEKEDKLARLEKAINPLLDDDDQVAFSFILDNIVTQKMMAVPDSWPFHH
PVNKKFVPDYYKVIVNPMDLETIRKNISKHKYQSRESFLDDVNLILANSVKYNGPESQYTKTAQEIVNVCYQTLTEYDEH
LTQLEKDICTAKEAALEEAELESLD
;
_entity_poly.pdbx_strand_id   A
#
loop_
_chem_comp.id
_chem_comp.type
_chem_comp.name
_chem_comp.formula
DMS non-polymer 'DIMETHYL SULFOXIDE' 'C2 H6 O S'
EDO non-polymer 1,2-ETHANEDIOL 'C2 H6 O2'
GOL non-polymer GLYCEROL 'C3 H8 O3'
VCD non-polymer 4-{4-[(3R)-3-methylmorpholin-4-yl]-6-[1-(methylsulfonyl)cyclopropyl]pyrimidin-2-yl}-1H-indole 'C21 H24 N4 O3 S'
#
# COMPACT_ATOMS: atom_id res chain seq x y z
N ASP A 10 18.69 -14.07 -12.96
CA ASP A 10 18.29 -13.14 -11.88
C ASP A 10 16.78 -13.04 -11.89
N PRO A 11 16.11 -13.56 -10.84
CA PRO A 11 14.63 -13.55 -10.85
C PRO A 11 14.04 -12.16 -10.92
N MET A 12 14.76 -11.13 -10.48
CA MET A 12 14.26 -9.76 -10.61
CA MET A 12 14.24 -9.77 -10.62
C MET A 12 14.17 -9.35 -12.08
N VAL A 13 15.06 -9.86 -12.90
CA VAL A 13 15.01 -9.53 -14.33
C VAL A 13 13.80 -10.22 -14.96
N THR A 14 13.62 -11.51 -14.67
CA THR A 14 12.47 -12.24 -15.19
C THR A 14 11.17 -11.59 -14.76
N LEU A 15 11.06 -11.29 -13.46
CA LEU A 15 9.86 -10.63 -12.97
C LEU A 15 9.62 -9.32 -13.71
N SER A 16 10.66 -8.48 -13.84
CA SER A 16 10.49 -7.21 -14.52
C SER A 16 10.03 -7.37 -15.96
N SER A 17 10.50 -8.41 -16.65
CA SER A 17 10.07 -8.63 -18.02
C SER A 17 8.60 -8.98 -18.08
N ILE A 18 8.12 -9.80 -17.14
CA ILE A 18 6.68 -10.08 -17.06
C ILE A 18 5.90 -8.80 -16.83
N LEU A 19 6.33 -7.98 -15.88
CA LEU A 19 5.57 -6.77 -15.60
C LEU A 19 5.55 -5.84 -16.80
N GLU A 20 6.67 -5.69 -17.51
CA GLU A 20 6.68 -4.85 -18.69
C GLU A 20 5.73 -5.37 -19.76
N SER A 21 5.67 -6.69 -19.93
CA SER A 21 4.74 -7.25 -20.90
C SER A 21 3.28 -6.92 -20.55
N ILE A 22 2.96 -6.89 -19.27
CA ILE A 22 1.63 -6.49 -18.85
C ILE A 22 1.38 -5.03 -19.18
N ILE A 23 2.38 -4.17 -18.98
CA ILE A 23 2.24 -2.77 -19.37
C ILE A 23 1.99 -2.66 -20.87
N ASN A 24 2.72 -3.43 -21.69
CA ASN A 24 2.48 -3.41 -23.13
C ASN A 24 1.04 -3.76 -23.44
N ASP A 25 0.51 -4.78 -22.76
CA ASP A 25 -0.86 -5.20 -23.04
C ASP A 25 -1.86 -4.15 -22.61
N MET A 26 -1.64 -3.49 -21.45
CA MET A 26 -2.52 -2.40 -21.03
C MET A 26 -2.47 -1.20 -21.96
N ARG A 27 -1.28 -0.85 -22.43
CA ARG A 27 -1.15 0.30 -23.32
C ARG A 27 -1.95 0.10 -24.61
N ASP A 28 -2.07 -1.15 -25.06
CA ASP A 28 -2.77 -1.53 -26.28
C ASP A 28 -4.30 -1.52 -26.14
N LEU A 29 -4.84 -1.43 -24.94
CA LEU A 29 -6.31 -1.40 -24.81
C LEU A 29 -6.87 -0.11 -25.40
N PRO A 30 -8.12 -0.12 -25.81
CA PRO A 30 -8.70 1.07 -26.44
C PRO A 30 -8.78 2.26 -25.53
N ASN A 31 -8.48 3.42 -26.10
CA ASN A 31 -8.69 4.73 -25.51
C ASN A 31 -7.82 5.00 -24.31
N THR A 32 -6.75 4.23 -24.14
CA THR A 32 -5.91 4.39 -22.95
C THR A 32 -4.87 5.50 -23.04
N TYR A 33 -4.67 6.14 -24.17
CA TYR A 33 -3.55 7.09 -24.26
C TYR A 33 -3.51 8.14 -23.16
N PRO A 34 -4.61 8.68 -22.64
CA PRO A 34 -4.52 9.70 -21.59
C PRO A 34 -3.75 9.20 -20.36
N PHE A 35 -3.57 7.89 -20.25
CA PHE A 35 -2.86 7.29 -19.12
C PHE A 35 -1.45 6.84 -19.48
N HIS A 36 -1.02 7.04 -20.72
CA HIS A 36 0.28 6.52 -21.13
C HIS A 36 1.43 7.33 -20.57
N THR A 37 1.23 8.60 -20.26
CA THR A 37 2.28 9.49 -19.82
C THR A 37 1.75 10.38 -18.70
N PRO A 38 2.63 11.04 -17.95
CA PRO A 38 2.13 11.86 -16.83
C PRO A 38 1.17 12.95 -17.29
N VAL A 39 0.18 13.23 -16.42
CA VAL A 39 -0.65 14.42 -16.61
C VAL A 39 0.23 15.64 -16.65
N ASN A 40 -0.06 16.54 -17.61
CA ASN A 40 0.63 17.80 -17.78
C ASN A 40 0.02 18.80 -16.83
N ALA A 41 0.66 19.01 -15.68
CA ALA A 41 0.13 19.95 -14.71
C ALA A 41 0.21 21.41 -15.13
N LYS A 42 0.84 21.76 -16.23
CA LYS A 42 0.67 23.15 -16.69
C LYS A 42 -0.53 23.33 -17.60
N VAL A 43 -1.13 22.25 -18.09
CA VAL A 43 -2.41 22.35 -18.75
C VAL A 43 -3.53 22.13 -17.73
N VAL A 44 -3.37 21.11 -16.88
CA VAL A 44 -4.37 20.75 -15.89
C VAL A 44 -3.90 21.41 -14.59
N LYS A 45 -4.20 22.70 -14.43
CA LYS A 45 -3.50 23.54 -13.49
C LYS A 45 -3.81 23.20 -12.03
N ASP A 46 -4.96 22.57 -11.77
CA ASP A 46 -5.30 22.20 -10.40
C ASP A 46 -4.99 20.76 -10.08
N TYR A 47 -4.29 20.05 -10.96
CA TYR A 47 -4.19 18.62 -10.79
C TYR A 47 -3.53 18.27 -9.46
N TYR A 48 -2.41 18.91 -9.13
CA TYR A 48 -1.71 18.58 -7.89
C TYR A 48 -2.39 19.16 -6.66
N LYS A 49 -3.39 20.03 -6.82
CA LYS A 49 -4.17 20.47 -5.67
C LYS A 49 -5.19 19.38 -5.27
N ILE A 50 -5.46 18.44 -6.16
CA ILE A 50 -6.45 17.40 -5.95
CA ILE A 50 -6.44 17.39 -5.97
C ILE A 50 -5.79 16.02 -5.78
N ILE A 51 -4.70 15.74 -6.53
CA ILE A 51 -4.07 14.43 -6.57
C ILE A 51 -2.72 14.48 -5.83
N THR A 52 -2.48 13.51 -4.97
CA THR A 52 -1.27 13.44 -4.14
C THR A 52 -0.23 12.49 -4.72
N ARG A 53 -0.64 11.40 -5.40
CA ARG A 53 0.28 10.36 -5.86
C ARG A 53 0.03 10.13 -7.34
N PRO A 54 0.52 11.03 -8.19
CA PRO A 54 0.36 10.85 -9.63
C PRO A 54 1.00 9.55 -10.12
N MET A 55 0.35 8.93 -11.12
CA MET A 55 0.94 7.76 -11.73
C MET A 55 0.40 7.61 -13.15
N ASP A 56 1.19 6.95 -14.00
CA ASP A 56 0.89 6.73 -15.41
C ASP A 56 1.71 5.56 -15.90
N LEU A 57 1.41 5.06 -17.12
CA LEU A 57 2.08 3.85 -17.56
C LEU A 57 3.56 4.03 -17.87
N GLN A 58 3.97 5.23 -18.33
CA GLN A 58 5.37 5.48 -18.58
C GLN A 58 6.18 5.46 -17.29
N THR A 59 5.66 6.14 -16.26
CA THR A 59 6.35 6.14 -14.97
C THR A 59 6.40 4.73 -14.41
N LEU A 60 5.28 4.01 -14.55
CA LEU A 60 5.22 2.62 -14.09
C LEU A 60 6.27 1.77 -14.78
N ARG A 61 6.41 1.94 -16.11
CA ARG A 61 7.44 1.17 -16.83
C ARG A 61 8.85 1.56 -16.39
N GLU A 62 9.09 2.85 -16.18
CA GLU A 62 10.42 3.27 -15.75
C GLU A 62 10.74 2.71 -14.38
N ASN A 63 9.73 2.61 -13.53
CA ASN A 63 9.92 2.05 -12.19
C ASN A 63 10.21 0.56 -12.28
N VAL A 64 9.54 -0.16 -13.18
CA VAL A 64 9.88 -1.56 -13.38
C VAL A 64 11.36 -1.67 -13.74
N ARG A 65 11.82 -0.80 -14.63
CA ARG A 65 13.22 -0.84 -15.06
C ARG A 65 14.17 -0.38 -13.96
N LYS A 66 13.74 0.47 -13.05
CA LYS A 66 14.56 0.79 -11.88
C LYS A 66 14.54 -0.32 -10.84
N ARG A 67 13.86 -1.45 -11.13
CA ARG A 67 13.81 -2.59 -10.21
C ARG A 67 13.15 -2.23 -8.89
N LEU A 68 12.11 -1.38 -8.95
CA LEU A 68 11.42 -0.93 -7.76
C LEU A 68 10.37 -1.91 -7.27
N TYR A 69 10.01 -2.91 -8.08
CA TYR A 69 8.90 -3.80 -7.76
C TYR A 69 9.45 -5.21 -7.57
N PRO A 70 9.60 -5.66 -6.32
CA PRO A 70 10.05 -7.04 -6.09
C PRO A 70 8.91 -8.05 -6.11
N SER A 71 7.67 -7.60 -6.29
CA SER A 71 6.52 -8.50 -6.35
C SER A 71 5.38 -7.91 -7.15
N ARG A 72 4.39 -8.77 -7.43
CA ARG A 72 3.14 -8.36 -8.07
C ARG A 72 2.50 -7.22 -7.31
N GLU A 73 2.54 -7.30 -5.99
CA GLU A 73 1.74 -6.41 -5.15
C GLU A 73 2.22 -4.97 -5.24
N GLU A 74 3.51 -4.71 -5.20
CA GLU A 74 3.98 -3.32 -5.28
C GLU A 74 3.66 -2.73 -6.64
N PHE A 75 3.78 -3.55 -7.69
CA PHE A 75 3.41 -3.10 -9.02
C PHE A 75 1.94 -2.78 -9.09
N ARG A 76 1.11 -3.70 -8.61
CA ARG A 76 -0.33 -3.48 -8.73
C ARG A 76 -0.76 -2.25 -7.95
N GLU A 77 -0.15 -2.01 -6.78
CA GLU A 77 -0.52 -0.84 -5.99
C GLU A 77 -0.30 0.45 -6.76
N HIS A 78 0.82 0.55 -7.45
CA HIS A 78 1.04 1.75 -8.24
C HIS A 78 0.07 1.80 -9.43
N LEU A 79 -0.20 0.68 -10.05
CA LEU A 79 -1.13 0.67 -11.20
C LEU A 79 -2.51 1.15 -10.73
N GLU A 80 -2.94 0.71 -9.55
CA GLU A 80 -4.26 1.06 -9.02
C GLU A 80 -4.34 2.58 -8.77
N LEU A 81 -3.23 3.25 -8.50
CA LEU A 81 -3.29 4.70 -8.35
C LEU A 81 -3.85 5.35 -9.61
N ILE A 82 -3.53 4.82 -10.80
CA ILE A 82 -4.05 5.41 -12.02
C ILE A 82 -5.55 5.47 -11.97
N VAL A 83 -6.19 4.37 -11.54
CA VAL A 83 -7.64 4.32 -11.47
C VAL A 83 -8.14 5.25 -10.37
N LYS A 84 -7.53 5.15 -9.18
CA LYS A 84 -8.01 5.95 -8.05
C LYS A 84 -7.92 7.44 -8.40
N ASN A 85 -6.81 7.85 -8.99
CA ASN A 85 -6.66 9.25 -9.33
C ASN A 85 -7.72 9.68 -10.33
N SER A 86 -8.01 8.83 -11.34
CA SER A 86 -9.05 9.20 -12.30
C SER A 86 -10.41 9.29 -11.62
N ALA A 87 -10.70 8.35 -10.72
CA ALA A 87 -11.97 8.35 -10.03
C ALA A 87 -12.16 9.65 -9.25
N THR A 88 -11.07 10.12 -8.61
CA THR A 88 -11.11 11.36 -7.84
C THR A 88 -11.22 12.58 -8.73
N TYR A 89 -10.38 12.66 -9.76
CA TYR A 89 -10.28 13.89 -10.54
C TYR A 89 -11.36 13.98 -11.59
N ASN A 90 -11.56 12.88 -12.34
CA ASN A 90 -12.54 12.86 -13.42
C ASN A 90 -13.91 12.42 -12.96
N GLY A 91 -14.00 11.53 -11.98
CA GLY A 91 -15.26 11.06 -11.46
C GLY A 91 -15.34 9.55 -11.50
N PRO A 92 -16.13 8.96 -10.61
CA PRO A 92 -16.14 7.50 -10.55
C PRO A 92 -16.69 6.79 -11.76
N LYS A 93 -17.56 7.44 -12.55
CA LYS A 93 -18.16 6.78 -13.70
C LYS A 93 -17.70 7.40 -15.01
N HIS A 94 -16.81 8.37 -14.95
CA HIS A 94 -16.30 9.00 -16.15
C HIS A 94 -15.71 7.94 -17.06
N SER A 95 -15.82 8.14 -18.38
CA SER A 95 -15.20 7.20 -19.31
CA SER A 95 -15.21 7.20 -19.30
C SER A 95 -13.72 7.01 -19.02
N LEU A 96 -13.00 8.07 -18.64
CA LEU A 96 -11.57 7.89 -18.35
C LEU A 96 -11.37 6.91 -17.20
N THR A 97 -12.20 6.98 -16.17
CA THR A 97 -12.09 6.02 -15.06
C THR A 97 -12.43 4.60 -15.50
N GLN A 98 -13.42 4.43 -16.36
CA GLN A 98 -13.73 3.11 -16.92
C GLN A 98 -12.54 2.60 -17.73
N ILE A 99 -11.94 3.47 -18.53
CA ILE A 99 -10.76 3.07 -19.31
C ILE A 99 -9.63 2.63 -18.38
N SER A 100 -9.31 3.43 -17.35
CA SER A 100 -8.25 3.03 -16.43
C SER A 100 -8.59 1.68 -15.79
N GLN A 101 -9.85 1.49 -15.39
CA GLN A 101 -10.25 0.20 -14.82
C GLN A 101 -10.04 -0.95 -15.79
N SER A 102 -10.25 -0.73 -17.08
CA SER A 102 -10.00 -1.80 -18.05
C SER A 102 -8.55 -2.25 -18.01
N MET A 103 -7.63 -1.32 -17.79
CA MET A 103 -6.23 -1.67 -17.62
C MET A 103 -5.98 -2.52 -16.40
N LEU A 104 -6.51 -2.10 -15.25
CA LEU A 104 -6.37 -2.88 -14.02
C LEU A 104 -6.98 -4.26 -14.16
N ASP A 105 -8.14 -4.38 -14.81
CA ASP A 105 -8.76 -5.68 -15.02
C ASP A 105 -7.87 -6.58 -15.86
N LEU A 106 -7.27 -6.04 -16.91
CA LEU A 106 -6.37 -6.86 -17.72
C LEU A 106 -5.16 -7.29 -16.92
N CYS A 107 -4.56 -6.37 -16.17
CA CYS A 107 -3.45 -6.73 -15.30
C CYS A 107 -3.84 -7.90 -14.40
N ASP A 108 -5.03 -7.83 -13.77
CA ASP A 108 -5.44 -8.92 -12.88
C ASP A 108 -5.61 -10.24 -13.64
N GLU A 109 -6.13 -10.20 -14.87
CA GLU A 109 -6.19 -11.41 -15.69
C GLU A 109 -4.79 -12.00 -15.90
N LYS A 110 -3.82 -11.15 -16.24
CA LYS A 110 -2.49 -11.67 -16.55
C LYS A 110 -1.79 -12.18 -15.30
N LEU A 111 -1.93 -11.47 -14.19
CA LEU A 111 -1.36 -11.94 -12.92
C LEU A 111 -1.97 -13.29 -12.53
N LYS A 112 -3.28 -13.48 -12.75
CA LYS A 112 -3.97 -14.73 -12.43
C LYS A 112 -3.34 -15.87 -13.21
N GLU A 113 -3.19 -15.64 -14.52
CA GLU A 113 -2.65 -16.64 -15.42
C GLU A 113 -1.24 -17.08 -15.02
N LYS A 114 -0.42 -16.13 -14.56
CA LYS A 114 0.99 -16.38 -14.27
C LYS A 114 1.26 -16.53 -12.77
N GLU A 115 0.24 -16.85 -11.99
CA GLU A 115 0.38 -16.72 -10.54
C GLU A 115 1.43 -17.67 -9.97
N ASP A 116 1.50 -18.89 -10.49
CA ASP A 116 2.47 -19.84 -9.93
C ASP A 116 3.89 -19.43 -10.26
N LYS A 117 4.14 -19.01 -11.50
CA LYS A 117 5.45 -18.51 -11.88
C LYS A 117 5.82 -17.27 -11.08
N LEU A 118 4.86 -16.36 -10.91
CA LEU A 118 5.17 -15.15 -10.17
C LEU A 118 5.49 -15.46 -8.72
N ALA A 119 4.75 -16.38 -8.10
CA ALA A 119 5.06 -16.77 -6.72
C ALA A 119 6.48 -17.30 -6.61
N ARG A 120 6.90 -18.12 -7.59
CA ARG A 120 8.25 -18.68 -7.52
C ARG A 120 9.30 -17.58 -7.60
N LEU A 121 9.12 -16.62 -8.50
CA LEU A 121 10.07 -15.53 -8.63
C LEU A 121 10.09 -14.68 -7.37
N GLU A 122 8.91 -14.41 -6.82
CA GLU A 122 8.81 -13.56 -5.64
C GLU A 122 9.54 -14.17 -4.46
N LYS A 123 9.45 -15.50 -4.30
CA LYS A 123 10.12 -16.15 -3.20
C LYS A 123 11.61 -16.26 -3.42
N ALA A 124 12.03 -16.36 -4.68
CA ALA A 124 13.46 -16.36 -4.98
C ALA A 124 14.05 -14.99 -4.69
N ILE A 125 13.30 -13.93 -4.96
CA ILE A 125 13.72 -12.57 -4.66
C ILE A 125 13.74 -12.34 -3.15
N ASN A 126 12.74 -12.84 -2.43
CA ASN A 126 12.60 -12.58 -1.00
C ASN A 126 12.10 -13.84 -0.32
N PRO A 127 13.02 -14.68 0.17
CA PRO A 127 12.60 -15.95 0.75
C PRO A 127 11.67 -15.84 1.93
N LEU A 128 11.60 -14.68 2.60
CA LEU A 128 10.70 -14.55 3.74
C LEU A 128 9.25 -14.64 3.33
N LEU A 129 8.93 -14.39 2.06
CA LEU A 129 7.55 -14.55 1.61
C LEU A 129 7.10 -16.02 1.68
N ASP A 130 8.04 -16.96 1.72
CA ASP A 130 7.74 -18.38 1.85
C ASP A 130 7.95 -18.90 3.26
N ASP A 131 8.27 -18.04 4.23
CA ASP A 131 8.63 -18.49 5.56
C ASP A 131 7.39 -18.60 6.42
N ASP A 132 7.18 -19.78 7.02
CA ASP A 132 5.91 -19.97 7.72
C ASP A 132 5.80 -19.09 8.95
N ASP A 133 6.92 -18.74 9.57
CA ASP A 133 6.86 -17.86 10.74
C ASP A 133 6.56 -16.43 10.32
N GLN A 134 7.16 -15.95 9.21
CA GLN A 134 6.79 -14.63 8.70
C GLN A 134 5.31 -14.59 8.35
N VAL A 135 4.80 -15.64 7.71
CA VAL A 135 3.40 -15.65 7.31
C VAL A 135 2.49 -15.64 8.53
N ALA A 136 2.82 -16.44 9.53
CA ALA A 136 2.01 -16.48 10.74
C ALA A 136 2.04 -15.16 11.49
N PHE A 137 3.21 -14.51 11.52
CA PHE A 137 3.36 -13.23 12.20
C PHE A 137 2.50 -12.17 11.51
N SER A 138 2.60 -12.11 10.18
CA SER A 138 1.79 -11.16 9.41
C SER A 138 0.29 -11.41 9.60
N PHE A 139 -0.11 -12.68 9.66
CA PHE A 139 -1.51 -13.00 9.87
C PHE A 139 -2.01 -12.43 11.18
N ILE A 140 -1.24 -12.59 12.25
CA ILE A 140 -1.64 -12.06 13.55
C ILE A 140 -1.74 -10.55 13.51
N LEU A 141 -0.73 -9.86 12.93
CA LEU A 141 -0.81 -8.42 12.85
C LEU A 141 -2.05 -7.96 12.07
N ASP A 142 -2.37 -8.64 10.96
CA ASP A 142 -3.53 -8.22 10.18
C ASP A 142 -4.82 -8.36 10.99
N ASN A 143 -4.92 -9.42 11.80
CA ASN A 143 -6.09 -9.63 12.64
C ASN A 143 -6.18 -8.57 13.74
N ILE A 144 -5.05 -8.15 14.30
CA ILE A 144 -5.10 -7.04 15.24
C ILE A 144 -5.64 -5.80 14.55
N VAL A 145 -5.16 -5.51 13.36
CA VAL A 145 -5.64 -4.31 12.68
C VAL A 145 -7.15 -4.40 12.39
N THR A 146 -7.59 -5.52 11.83
CA THR A 146 -8.99 -5.56 11.39
C THR A 146 -9.97 -5.80 12.53
N GLN A 147 -9.62 -6.65 13.49
CA GLN A 147 -10.57 -7.04 14.53
C GLN A 147 -10.52 -6.17 15.78
N LYS A 148 -9.41 -5.48 16.02
CA LYS A 148 -9.26 -4.65 17.20
C LYS A 148 -9.18 -3.17 16.83
N MET A 149 -8.22 -2.82 15.98
CA MET A 149 -7.92 -1.42 15.71
C MET A 149 -9.02 -0.79 14.86
N MET A 150 -9.43 -1.47 13.80
CA MET A 150 -10.48 -0.91 12.97
C MET A 150 -11.85 -0.99 13.62
N ALA A 151 -12.01 -1.78 14.69
CA ALA A 151 -13.25 -1.89 15.44
C ALA A 151 -13.44 -0.79 16.46
N VAL A 152 -12.42 0.04 16.68
CA VAL A 152 -12.59 1.16 17.60
C VAL A 152 -13.72 2.04 17.08
N PRO A 153 -14.67 2.44 17.91
CA PRO A 153 -15.76 3.29 17.44
C PRO A 153 -15.26 4.57 16.79
N ASP A 154 -15.89 4.93 15.66
CA ASP A 154 -15.62 6.17 14.97
C ASP A 154 -14.18 6.26 14.50
N SER A 155 -13.54 5.11 14.24
CA SER A 155 -12.17 5.10 13.76
C SER A 155 -12.03 5.34 12.26
N TRP A 156 -13.13 5.53 11.53
CA TRP A 156 -13.10 5.67 10.08
C TRP A 156 -12.09 6.69 9.56
N PRO A 157 -11.81 7.82 10.24
CA PRO A 157 -10.86 8.77 9.64
C PRO A 157 -9.51 8.18 9.42
N PHE A 158 -9.17 7.11 10.13
CA PHE A 158 -7.86 6.49 10.13
C PHE A 158 -7.84 5.21 9.33
N HIS A 159 -8.92 4.84 8.66
CA HIS A 159 -8.93 3.57 7.97
C HIS A 159 -8.24 3.62 6.62
N HIS A 160 -8.10 4.80 6.01
CA HIS A 160 -7.63 4.93 4.63
C HIS A 160 -6.81 6.18 4.54
N PRO A 161 -5.97 6.31 3.50
CA PRO A 161 -5.29 7.59 3.29
C PRO A 161 -6.30 8.72 3.07
N VAL A 162 -5.96 9.89 3.60
CA VAL A 162 -6.82 11.05 3.37
C VAL A 162 -6.84 11.36 1.88
N ASN A 163 -8.03 11.65 1.37
CA ASN A 163 -8.18 12.09 0.00
C ASN A 163 -8.11 13.62 0.00
N LYS A 164 -7.06 14.16 -0.61
CA LYS A 164 -6.83 15.59 -0.65
C LYS A 164 -8.01 16.35 -1.26
N LYS A 165 -8.81 15.71 -2.12
CA LYS A 165 -9.97 16.42 -2.64
C LYS A 165 -10.90 16.86 -1.52
N PHE A 166 -11.01 16.04 -0.50
CA PHE A 166 -11.94 16.29 0.58
C PHE A 166 -11.32 17.02 1.75
N VAL A 167 -10.01 16.97 1.90
CA VAL A 167 -9.27 17.66 2.96
C VAL A 167 -8.10 18.39 2.29
N PRO A 168 -8.33 19.55 1.68
CA PRO A 168 -7.35 20.05 0.71
C PRO A 168 -6.00 20.44 1.28
N ASP A 169 -5.89 20.78 2.57
CA ASP A 169 -4.62 21.17 3.18
C ASP A 169 -3.96 20.05 3.98
N TYR A 170 -4.46 18.82 3.90
CA TYR A 170 -3.98 17.78 4.81
C TYR A 170 -2.49 17.51 4.63
N TYR A 171 -2.04 17.38 3.38
CA TYR A 171 -0.67 16.97 3.12
C TYR A 171 0.32 18.12 3.13
N LYS A 172 -0.16 19.34 3.21
CA LYS A 172 0.74 20.47 3.51
C LYS A 172 1.14 20.43 4.98
N VAL A 173 0.25 19.91 5.83
CA VAL A 173 0.54 19.78 7.26
C VAL A 173 1.20 18.45 7.58
N ILE A 174 0.67 17.37 7.02
CA ILE A 174 1.13 16.01 7.28
C ILE A 174 1.96 15.54 6.10
N VAL A 175 3.28 15.55 6.25
CA VAL A 175 4.14 15.12 5.16
C VAL A 175 4.57 13.67 5.26
N ASN A 176 4.36 13.00 6.38
CA ASN A 176 4.65 11.58 6.56
C ASN A 176 3.34 10.89 6.96
N PRO A 177 2.41 10.77 6.03
CA PRO A 177 1.09 10.23 6.37
C PRO A 177 1.15 8.72 6.63
N MET A 178 0.16 8.25 7.37
CA MET A 178 -0.05 6.83 7.62
C MET A 178 -1.50 6.59 8.00
N ASP A 179 -1.95 5.38 7.70
CA ASP A 179 -3.33 5.00 7.95
C ASP A 179 -3.38 3.48 8.03
N LEU A 180 -4.53 2.95 8.49
CA LEU A 180 -4.61 1.52 8.71
C LEU A 180 -4.59 0.69 7.44
N GLU A 181 -5.17 1.18 6.33
CA GLU A 181 -5.10 0.44 5.08
C GLU A 181 -3.65 0.28 4.63
N THR A 182 -2.88 1.37 4.68
CA THR A 182 -1.47 1.31 4.34
C THR A 182 -0.75 0.29 5.20
N ILE A 183 -1.03 0.27 6.50
CA ILE A 183 -0.44 -0.75 7.36
C ILE A 183 -0.85 -2.15 6.91
N ARG A 184 -2.13 -2.36 6.60
CA ARG A 184 -2.55 -3.67 6.09
C ARG A 184 -1.82 -4.04 4.78
N LYS A 185 -1.63 -3.08 3.87
CA LYS A 185 -0.89 -3.36 2.65
C LYS A 185 0.55 -3.76 3.00
N ASN A 186 1.17 -3.04 3.95
CA ASN A 186 2.51 -3.39 4.39
C ASN A 186 2.55 -4.81 4.97
N ILE A 187 1.55 -5.17 5.78
CA ILE A 187 1.50 -6.53 6.32
C ILE A 187 1.40 -7.57 5.20
N SER A 188 0.54 -7.29 4.21
CA SER A 188 0.35 -8.21 3.11
C SER A 188 1.64 -8.42 2.32
N LYS A 189 2.49 -7.41 2.27
CA LYS A 189 3.79 -7.50 1.64
C LYS A 189 4.86 -8.01 2.59
N HIS A 190 4.49 -8.37 3.81
CA HIS A 190 5.43 -8.85 4.83
C HIS A 190 6.56 -7.85 5.10
N LYS A 191 6.20 -6.57 5.22
CA LYS A 191 7.15 -5.50 5.51
C LYS A 191 7.63 -5.56 6.95
N TYR A 192 6.84 -6.12 7.84
CA TYR A 192 7.16 -6.12 9.26
C TYR A 192 7.68 -7.48 9.71
N GLN A 193 8.90 -7.50 10.21
CA GLN A 193 9.51 -8.70 10.77
C GLN A 193 9.46 -8.72 12.28
N SER A 194 9.06 -7.62 12.90
CA SER A 194 8.85 -7.59 14.35
C SER A 194 7.94 -6.43 14.69
N ARG A 195 7.57 -6.38 15.97
CA ARG A 195 6.65 -5.37 16.44
C ARG A 195 7.22 -3.96 16.40
N GLU A 196 8.53 -3.79 16.42
CA GLU A 196 9.09 -2.45 16.47
CA GLU A 196 9.09 -2.44 16.47
C GLU A 196 8.71 -1.63 15.23
N SER A 197 8.89 -2.20 14.04
CA SER A 197 8.59 -1.45 12.83
CA SER A 197 8.59 -1.43 12.84
C SER A 197 7.08 -1.24 12.68
N PHE A 198 6.30 -2.24 13.05
CA PHE A 198 4.85 -2.11 13.05
C PHE A 198 4.39 -0.97 13.94
N LEU A 199 4.96 -0.91 15.17
CA LEU A 199 4.55 0.15 16.09
C LEU A 199 5.00 1.53 15.64
N ASP A 200 6.11 1.63 14.90
CA ASP A 200 6.48 2.92 14.32
C ASP A 200 5.35 3.42 13.42
N ASP A 201 4.82 2.55 12.55
CA ASP A 201 3.75 3.01 11.67
C ASP A 201 2.44 3.25 12.43
N VAL A 202 2.09 2.40 13.38
CA VAL A 202 0.88 2.63 14.18
C VAL A 202 0.95 3.99 14.89
N ASN A 203 2.09 4.27 15.53
CA ASN A 203 2.24 5.52 16.26
C ASN A 203 2.23 6.73 15.34
N LEU A 204 2.64 6.57 14.09
CA LEU A 204 2.61 7.69 13.16
C LEU A 204 1.18 8.16 12.93
N ILE A 205 0.19 7.23 12.94
CA ILE A 205 -1.21 7.62 12.84
C ILE A 205 -1.56 8.59 13.97
N LEU A 206 -1.16 8.26 15.20
CA LEU A 206 -1.49 9.09 16.33
C LEU A 206 -0.72 10.41 16.30
N ALA A 207 0.57 10.37 15.97
CA ALA A 207 1.32 11.61 15.85
C ALA A 207 0.73 12.54 14.81
N ASN A 208 0.30 12.01 13.68
CA ASN A 208 -0.28 12.87 12.68
C ASN A 208 -1.61 13.45 13.14
N SER A 209 -2.38 12.71 13.95
CA SER A 209 -3.61 13.30 14.47
C SER A 209 -3.34 14.42 15.46
N VAL A 210 -2.34 14.23 16.32
CA VAL A 210 -1.96 15.30 17.23
C VAL A 210 -1.60 16.55 16.44
N LYS A 211 -0.81 16.37 15.39
CA LYS A 211 -0.35 17.52 14.61
C LYS A 211 -1.50 18.20 13.85
N TYR A 212 -2.35 17.41 13.17
CA TYR A 212 -3.36 17.99 12.28
C TYR A 212 -4.60 18.43 13.06
N ASN A 213 -5.01 17.64 14.03
CA ASN A 213 -6.26 17.88 14.75
C ASN A 213 -6.07 18.50 16.11
N GLY A 214 -4.89 18.34 16.70
CA GLY A 214 -4.65 18.84 18.04
C GLY A 214 -4.71 17.76 19.09
N PRO A 215 -4.01 17.98 20.18
CA PRO A 215 -3.92 16.92 21.21
C PRO A 215 -5.21 16.63 21.93
N GLU A 216 -6.16 17.55 21.96
CA GLU A 216 -7.40 17.36 22.69
C GLU A 216 -8.59 17.07 21.80
N SER A 217 -8.38 16.95 20.50
CA SER A 217 -9.45 16.66 19.54
CA SER A 217 -9.51 16.71 19.62
C SER A 217 -10.07 15.30 19.82
N GLN A 218 -11.36 15.15 19.52
CA GLN A 218 -11.92 13.81 19.56
C GLN A 218 -11.23 12.89 18.55
N TYR A 219 -10.78 13.41 17.40
CA TYR A 219 -10.05 12.56 16.46
C TYR A 219 -8.82 11.98 17.13
N THR A 220 -8.13 12.80 17.93
CA THR A 220 -6.93 12.28 18.59
C THR A 220 -7.27 11.31 19.71
N LYS A 221 -8.37 11.54 20.41
CA LYS A 221 -8.78 10.56 21.40
C LYS A 221 -9.07 9.20 20.74
N THR A 222 -9.71 9.23 19.58
CA THR A 222 -9.93 7.99 18.84
C THR A 222 -8.63 7.35 18.41
N ALA A 223 -7.70 8.15 17.87
CA ALA A 223 -6.42 7.60 17.49
C ALA A 223 -5.68 7.01 18.70
N GLN A 224 -5.79 7.66 19.86
CA GLN A 224 -5.16 7.12 21.06
C GLN A 224 -5.76 5.78 21.43
N GLU A 225 -7.07 5.64 21.24
CA GLU A 225 -7.71 4.36 21.53
C GLU A 225 -7.23 3.27 20.57
N ILE A 226 -7.05 3.62 19.28
CA ILE A 226 -6.50 2.70 18.30
C ILE A 226 -5.13 2.20 18.76
N VAL A 227 -4.26 3.12 19.18
CA VAL A 227 -2.91 2.73 19.62
C VAL A 227 -2.98 1.91 20.90
N ASN A 228 -3.85 2.28 21.84
CA ASN A 228 -3.93 1.56 23.09
C ASN A 228 -4.46 0.14 22.91
N VAL A 229 -5.41 -0.07 22.01
CA VAL A 229 -5.90 -1.43 21.84
C VAL A 229 -4.86 -2.28 21.10
N CYS A 230 -4.03 -1.65 20.27
CA CYS A 230 -2.89 -2.32 19.65
C CYS A 230 -1.93 -2.81 20.73
N TYR A 231 -1.53 -1.92 21.65
CA TYR A 231 -0.61 -2.35 22.71
C TYR A 231 -1.23 -3.46 23.55
N GLN A 232 -2.50 -3.29 23.93
CA GLN A 232 -3.16 -4.28 24.77
C GLN A 232 -3.15 -5.65 24.10
N THR A 233 -3.43 -5.68 22.79
CA THR A 233 -3.51 -6.96 22.11
C THR A 233 -2.12 -7.57 21.87
N LEU A 234 -1.13 -6.74 21.51
CA LEU A 234 0.24 -7.25 21.43
C LEU A 234 0.68 -7.84 22.77
N THR A 235 0.31 -7.21 23.88
CA THR A 235 0.73 -7.72 25.18
C THR A 235 0.10 -9.09 25.43
N GLU A 236 -1.14 -9.25 25.01
CA GLU A 236 -1.82 -10.52 25.20
C GLU A 236 -1.15 -11.65 24.44
N TYR A 237 -0.65 -11.37 23.23
CA TYR A 237 -0.01 -12.38 22.41
C TYR A 237 1.50 -12.37 22.53
N ASP A 238 2.05 -11.79 23.59
CA ASP A 238 3.48 -11.52 23.64
C ASP A 238 4.32 -12.79 23.50
N GLU A 239 3.96 -13.84 24.22
CA GLU A 239 4.78 -15.06 24.19
C GLU A 239 4.89 -15.58 22.77
N HIS A 240 3.77 -15.71 22.08
CA HIS A 240 3.79 -16.23 20.71
C HIS A 240 4.52 -15.29 19.76
N LEU A 241 4.26 -13.98 19.86
CA LEU A 241 4.91 -13.06 18.96
C LEU A 241 6.42 -13.04 19.17
N THR A 242 6.87 -13.20 20.41
CA THR A 242 8.31 -13.24 20.64
C THR A 242 8.94 -14.44 19.96
N GLN A 243 8.27 -15.59 20.01
CA GLN A 243 8.85 -16.78 19.38
C GLN A 243 8.87 -16.60 17.86
N LEU A 244 7.79 -16.07 17.29
CA LEU A 244 7.77 -15.84 15.85
C LEU A 244 8.87 -14.88 15.43
N GLU A 245 9.07 -13.82 16.20
CA GLU A 245 10.10 -12.84 15.86
C GLU A 245 11.49 -13.48 15.91
N LYS A 246 11.73 -14.33 16.90
CA LYS A 246 12.99 -15.04 16.98
C LYS A 246 13.21 -15.93 15.76
N ASP A 247 12.19 -16.67 15.37
CA ASP A 247 12.36 -17.58 14.23
C ASP A 247 12.48 -16.81 12.91
N ILE A 248 11.83 -15.65 12.81
CA ILE A 248 12.00 -14.84 11.59
C ILE A 248 13.42 -14.33 11.49
N CYS A 249 13.98 -13.87 12.62
CA CYS A 249 15.37 -13.44 12.63
C CYS A 249 16.29 -14.55 12.14
N THR A 250 16.08 -15.77 12.65
CA THR A 250 16.91 -16.90 12.21
C THR A 250 16.76 -17.15 10.71
N ALA A 251 15.53 -17.08 10.20
CA ALA A 251 15.32 -17.23 8.77
C ALA A 251 16.00 -16.11 7.99
N LYS A 252 15.91 -14.89 8.50
CA LYS A 252 16.50 -13.75 7.82
C LYS A 252 18.01 -13.91 7.71
N GLU A 253 18.66 -14.26 8.83
CA GLU A 253 20.10 -14.47 8.82
C GLU A 253 20.46 -15.66 7.93
N ALA A 254 19.62 -16.69 7.92
CA ALA A 254 19.90 -17.87 7.10
C ALA A 254 19.97 -17.52 5.62
N ALA A 255 19.10 -16.62 5.17
CA ALA A 255 19.08 -16.23 3.76
C ALA A 255 20.25 -15.28 3.50
N LEU A 256 21.45 -15.85 3.51
CA LEU A 256 22.68 -15.09 3.38
C LEU A 256 23.79 -15.99 2.85
C1 EDO B . -5.86 11.56 -16.40
O1 EDO B . -6.79 12.29 -15.59
C2 EDO B . -6.52 11.16 -17.71
O2 EDO B . -6.81 12.37 -18.46
H11 EDO B . -5.53 10.67 -15.87
H12 EDO B . -4.97 12.18 -16.60
HO1 EDO B . -6.36 12.56 -14.76
H21 EDO B . -7.43 10.62 -17.52
H22 EDO B . -5.85 10.52 -18.27
HO2 EDO B . -7.20 12.13 -19.30
C1 EDO C . -15.59 3.10 11.82
O1 EDO C . -15.97 4.39 12.33
C2 EDO C . -15.93 2.01 12.85
O2 EDO C . -15.28 0.76 12.52
H11 EDO C . -14.51 3.09 11.61
H12 EDO C . -16.10 2.90 10.88
HO1 EDO C . -15.82 5.06 11.65
H21 EDO C . -17.01 1.86 12.88
H22 EDO C . -15.60 2.33 13.85
HO2 EDO C . -15.49 0.11 13.19
C1 EDO D . -3.65 9.70 -2.25
O1 EDO D . -4.52 9.73 -1.10
C2 EDO D . -3.51 8.35 -2.94
O2 EDO D . -4.79 7.78 -3.28
H11 EDO D . -2.66 10.03 -1.93
H12 EDO D . -4.02 10.43 -2.98
HO1 EDO D . -4.55 10.63 -0.73
H21 EDO D . -2.96 7.67 -2.30
H22 EDO D . -2.92 8.48 -3.86
HO2 EDO D . -4.65 6.95 -3.75
C1 EDO E . 3.75 16.23 -19.04
O1 EDO E . 3.64 17.52 -19.63
C2 EDO E . 3.04 15.24 -19.95
O2 EDO E . 3.60 13.94 -19.75
H11 EDO E . 4.80 15.95 -18.93
H12 EDO E . 3.29 16.23 -18.06
HO1 EDO E . 4.04 18.18 -19.05
H21 EDO E . 1.97 15.22 -19.73
H22 EDO E . 3.15 15.54 -20.99
HO2 EDO E . 3.15 13.32 -20.34
C11 VCD F . -7.68 12.10 10.51
C01 VCD F . -9.92 11.32 6.90
C02 VCD F . -10.79 11.09 5.83
C04 VCD F . -12.02 13.03 6.38
C06 VCD F . -10.17 12.43 7.73
C08 VCD F . -9.55 14.06 9.48
C09 VCD F . -9.06 13.93 10.95
C12 VCD F . -8.09 12.08 9.02
C13 VCD F . -8.82 15.18 8.75
C14 VCD F . -13.06 13.95 6.10
C15 VCD F . -13.45 14.15 4.78
C16 VCD F . -14.46 15.08 4.40
C17 VCD F . -15.06 15.87 5.40
C18 VCD F . -14.67 15.69 6.73
C19 VCD F . -13.69 14.74 7.12
C20 VCD F . -13.55 14.82 8.50
C21 VCD F . -14.45 15.79 8.92
C23 VCD F . -10.64 9.91 4.92
C25 VCD F . -12.90 10.32 3.18
C28 VCD F . -9.54 8.88 5.09
C29 VCD F . -10.98 8.52 5.45
N03 VCD F . -11.81 11.96 5.59
N05 VCD F . -11.19 13.26 7.43
N07 VCD F . -9.38 12.75 8.83
N22 VCD F . -15.09 16.28 7.86
O10 VCD F . -7.70 13.44 10.99
O26 VCD F . -10.71 8.98 2.48
O27 VCD F . -10.54 11.55 2.78
S24 VCD F . -11.11 10.21 3.23
H111 VCD F . -6.77 11.74 10.61
H112 VCD F . -8.29 11.55 11.03
H011 VCD F . -9.21 10.75 7.06
H081 VCD F . -10.48 14.35 9.50
H091 VCD F . -9.09 14.80 11.36
H092 VCD F . -9.64 13.33 11.42
H121 VCD F . -7.41 12.54 8.50
H122 VCD F . -8.15 11.17 8.72
H133 VCD F . -9.00 16.02 9.20
H131 VCD F . -9.13 15.23 7.83
H132 VCD F . -7.87 15.00 8.76
H151 VCD F . -13.03 13.65 4.11
H161 VCD F . -14.72 15.16 3.51
H171 VCD F . -15.70 16.50 5.18
H201 VCD F . -12.97 14.32 9.04
H211 VCD F . -14.59 16.05 9.80
H252 VCD F . -13.16 11.01 2.53
H253 VCD F . -13.24 10.58 4.06
H251 VCD F . -13.28 9.47 2.93
H281 VCD F . -8.93 9.02 5.84
H282 VCD F . -9.20 8.49 4.27
H291 VCD F . -11.17 8.47 6.40
H292 VCD F . -11.43 7.93 4.83
H221 VCD F . -15.69 16.90 7.90
S DMS G . -5.47 22.58 10.49
O DMS G . -5.41 22.56 8.99
C1 DMS G . -6.86 21.56 11.04
C2 DMS G . -4.02 21.70 11.19
H11 DMS G . -6.92 21.58 12.10
H12 DMS G . -6.72 20.55 10.72
H13 DMS G . -7.76 21.93 10.62
H21 DMS G . -3.13 22.19 10.90
H22 DMS G . -4.01 20.71 10.83
H23 DMS G . -4.10 21.70 12.25
C1 GOL H . 10.48 3.67 10.33
O1 GOL H . 9.46 4.62 10.36
C2 GOL H . 9.85 2.40 10.84
O2 GOL H . 10.68 1.56 11.55
C3 GOL H . 9.28 1.72 9.64
O3 GOL H . 8.02 1.28 10.10
H11 GOL H . 11.25 3.92 10.88
H12 GOL H . 10.84 3.53 9.44
HO1 GOL H . 8.94 4.45 9.70
H2 GOL H . 9.17 2.67 11.48
HO2 GOL H . 10.90 1.97 12.26
H31 GOL H . 9.87 1.00 9.36
H32 GOL H . 9.24 2.34 8.89
HO3 GOL H . 8.10 0.43 10.25
#